data_5ZRG
#
_entry.id   5ZRG
#
_cell.length_a   66.080
_cell.length_b   59.360
_cell.length_c   31.360
_cell.angle_alpha   90.00
_cell.angle_beta   90.00
_cell.angle_gamma   90.00
#
_symmetry.space_group_name_H-M   'P 21 21 2'
#
loop_
_entity.id
_entity.type
_entity.pdbx_description
1 polymer 'Putative mutator protein MutT2/NUDIX hydrolase'
2 non-polymer "2'-DEOXYCYTIDINE-5'-MONOPHOSPHATE"
3 water water
#
_entity_poly.entity_id   1
_entity_poly.type   'polypeptide(L)'
_entity_poly.pdbx_seq_one_letter_code
;MGSSHHHHHHSSGLVPRGSHMTKQIVVAGALISRGTLLVAQRDRPAELAGLWELPGGKVTPGESDADALARELREELGVD
VAVGERLGADVALNDAMTLRAYRVTLRSGSPHPHDHRALRWVGADEIDGLAWVPADRAWVPDLVAALSGR
;
_entity_poly.pdbx_strand_id   A
#
loop_
_chem_comp.id
_chem_comp.type
_chem_comp.name
_chem_comp.formula
DCM non-polymer 2'-DEOXYCYTIDINE-5'-MONOPHOSPHATE 'C9 H14 N3 O7 P'
#
# COMPACT_ATOMS: atom_id res chain seq x y z
N LYS A 23 -1.01 -7.99 19.25
CA LYS A 23 -0.17 -7.55 18.05
C LYS A 23 -0.58 -6.16 17.52
N GLN A 24 0.41 -5.44 17.03
CA GLN A 24 0.24 -4.20 16.38
C GLN A 24 -0.13 -4.49 14.93
N ILE A 25 -1.17 -3.82 14.45
CA ILE A 25 -1.58 -3.94 13.07
C ILE A 25 -1.02 -2.76 12.26
N VAL A 26 -0.44 -3.07 11.10
CA VAL A 26 -0.03 -2.13 10.07
C VAL A 26 -0.96 -2.36 8.88
N VAL A 27 -1.63 -1.30 8.47
CA VAL A 27 -2.53 -1.43 7.34
C VAL A 27 -1.89 -0.80 6.11
N ALA A 28 -2.18 -1.37 4.92
CA ALA A 28 -1.62 -0.91 3.67
C ALA A 28 -2.72 -0.88 2.63
N GLY A 29 -2.59 0.00 1.66
CA GLY A 29 -3.61 0.21 0.65
C GLY A 29 -3.16 -0.22 -0.72
N ALA A 30 -4.05 -0.93 -1.41
CA ALA A 30 -3.91 -1.27 -2.84
C ALA A 30 -4.88 -0.39 -3.60
N LEU A 31 -4.38 0.73 -4.05
N LEU A 31 -4.37 0.72 -4.05
CA LEU A 31 -5.19 1.74 -4.76
CA LEU A 31 -5.18 1.75 -4.76
C LEU A 31 -5.13 1.45 -6.24
C LEU A 31 -5.13 1.46 -6.24
N ILE A 32 -6.25 1.02 -6.80
CA ILE A 32 -6.36 0.74 -8.23
C ILE A 32 -7.22 1.85 -8.80
N SER A 33 -6.70 2.49 -9.82
CA SER A 33 -7.37 3.61 -10.52
C SER A 33 -7.09 3.54 -11.99
N ARG A 34 -8.16 3.66 -12.77
CA ARG A 34 -8.10 3.69 -14.22
C ARG A 34 -7.34 2.46 -14.72
N GLY A 35 -7.51 1.38 -13.98
CA GLY A 35 -6.84 0.10 -14.37
C GLY A 35 -5.39 -0.17 -13.95
N THR A 36 -4.82 0.70 -13.15
CA THR A 36 -3.44 0.53 -12.71
C THR A 36 -3.40 0.61 -11.18
N LEU A 37 -2.33 0.07 -10.61
CA LEU A 37 -2.08 0.02 -9.15
C LEU A 37 -1.05 1.06 -8.75
N LEU A 38 -1.32 1.82 -7.66
CA LEU A 38 -0.32 2.71 -7.14
C LEU A 38 0.65 1.93 -6.23
N VAL A 39 1.95 2.10 -6.51
CA VAL A 39 2.99 1.63 -5.61
C VAL A 39 3.88 2.78 -5.21
N ALA A 40 4.52 2.63 -4.05
CA ALA A 40 5.24 3.68 -3.40
C ALA A 40 6.62 3.24 -3.00
N GLN A 41 7.60 4.05 -3.33
CA GLN A 41 9.01 3.66 -3.10
C GLN A 41 9.49 4.27 -1.76
N ARG A 42 9.81 3.41 -0.82
CA ARG A 42 10.21 3.89 0.52
C ARG A 42 11.48 4.67 0.46
N ASP A 43 11.63 5.57 1.42
CA ASP A 43 12.80 6.36 1.57
C ASP A 43 13.56 6.07 2.90
N ARG A 44 13.03 5.17 3.70
CA ARG A 44 13.58 4.86 5.00
C ARG A 44 13.02 3.55 5.50
N PRO A 45 13.70 2.90 6.46
CA PRO A 45 15.10 3.15 6.87
C PRO A 45 16.01 2.66 5.76
N ALA A 46 17.33 2.67 5.98
CA ALA A 46 18.25 2.34 4.88
C ALA A 46 17.95 0.99 4.26
N GLU A 47 17.51 0.00 5.07
CA GLU A 47 17.30 -1.38 4.57
C GLU A 47 16.15 -1.45 3.56
N LEU A 48 15.18 -0.49 3.65
CA LEU A 48 14.03 -0.52 2.78
C LEU A 48 14.01 0.65 1.77
N ALA A 49 14.89 1.63 1.95
CA ALA A 49 14.92 2.83 1.11
C ALA A 49 15.28 2.39 -0.29
N GLY A 50 14.41 2.73 -1.26
CA GLY A 50 14.57 2.28 -2.64
C GLY A 50 13.72 1.12 -3.07
N LEU A 51 13.09 0.49 -2.09
CA LEU A 51 12.20 -0.66 -2.33
C LEU A 51 10.76 -0.21 -2.31
N TRP A 52 9.88 -1.01 -2.94
CA TRP A 52 8.52 -0.58 -3.20
C TRP A 52 7.52 -1.26 -2.30
N GLU A 53 6.45 -0.53 -1.98
CA GLU A 53 5.45 -1.02 -1.01
C GLU A 53 4.04 -0.57 -1.42
N LEU A 54 3.06 -1.21 -0.81
CA LEU A 54 1.74 -0.62 -0.71
C LEU A 54 1.76 0.33 0.51
N PRO A 55 1.44 1.60 0.30
CA PRO A 55 1.57 2.58 1.38
C PRO A 55 0.55 2.38 2.50
N GLY A 56 0.93 2.77 3.72
CA GLY A 56 0.03 2.68 4.87
C GLY A 56 0.77 2.96 6.14
N GLY A 57 0.33 2.34 7.23
CA GLY A 57 0.98 2.60 8.54
C GLY A 57 0.23 1.95 9.67
N LYS A 58 0.73 2.18 10.89
CA LYS A 58 0.20 1.53 12.08
C LYS A 58 -1.19 2.04 12.43
N VAL A 59 -2.06 1.10 12.78
CA VAL A 59 -3.31 1.42 13.45
C VAL A 59 -3.01 1.91 14.88
N THR A 60 -3.59 3.01 15.24
CA THR A 60 -3.42 3.48 16.58
C THR A 60 -4.61 2.92 17.48
N PRO A 61 -4.35 2.58 18.79
CA PRO A 61 -5.49 2.08 19.56
C PRO A 61 -6.70 3.07 19.55
N GLY A 62 -7.86 2.54 19.34
CA GLY A 62 -9.07 3.38 19.22
C GLY A 62 -9.55 3.60 17.78
N GLU A 63 -8.66 3.39 16.81
CA GLU A 63 -8.96 3.52 15.38
C GLU A 63 -9.42 2.20 14.79
N SER A 64 -10.32 2.29 13.83
CA SER A 64 -10.60 1.17 12.99
C SER A 64 -9.48 1.07 11.91
N ASP A 65 -9.38 -0.10 11.31
CA ASP A 65 -8.47 -0.25 10.17
C ASP A 65 -8.78 0.80 9.07
N ALA A 66 -10.08 1.03 8.84
CA ALA A 66 -10.42 1.96 7.78
C ALA A 66 -9.99 3.42 8.11
N ASP A 67 -10.19 3.82 9.38
CA ASP A 67 -9.80 5.13 9.88
C ASP A 67 -8.28 5.29 9.67
N ALA A 68 -7.52 4.30 10.14
CA ALA A 68 -6.06 4.37 10.13
C ALA A 68 -5.57 4.47 8.67
N LEU A 69 -6.07 3.60 7.81
CA LEU A 69 -5.56 3.59 6.46
C LEU A 69 -5.89 4.84 5.71
N ALA A 70 -7.13 5.30 5.86
CA ALA A 70 -7.49 6.58 5.21
C ALA A 70 -6.61 7.73 5.74
N ARG A 71 -6.36 7.74 7.05
CA ARG A 71 -5.49 8.76 7.64
C ARG A 71 -4.12 8.73 7.07
N GLU A 72 -3.52 7.54 7.03
CA GLU A 72 -2.17 7.41 6.50
C GLU A 72 -2.07 7.81 5.06
N LEU A 73 -3.03 7.40 4.22
CA LEU A 73 -2.92 7.78 2.84
C LEU A 73 -3.21 9.26 2.56
N ARG A 74 -4.06 9.89 3.37
CA ARG A 74 -4.21 11.32 3.29
C ARG A 74 -2.88 12.03 3.63
N GLU A 75 -2.22 11.61 4.72
N GLU A 75 -2.25 11.58 4.74
CA GLU A 75 -0.96 12.25 5.10
CA GLU A 75 -0.98 12.14 5.22
C GLU A 75 0.12 11.97 4.06
C GLU A 75 0.14 11.93 4.17
N GLU A 76 0.26 10.71 3.67
CA GLU A 76 1.44 10.29 2.86
C GLU A 76 1.24 10.72 1.42
N LEU A 77 -0.03 10.65 0.93
CA LEU A 77 -0.24 10.81 -0.50
C LEU A 77 -1.04 12.04 -0.90
N GLY A 78 -1.76 12.63 0.03
CA GLY A 78 -2.60 13.77 -0.29
C GLY A 78 -3.92 13.41 -0.97
N VAL A 79 -4.43 12.20 -0.67
CA VAL A 79 -5.66 11.77 -1.24
C VAL A 79 -6.65 11.32 -0.19
N ASP A 80 -7.92 11.45 -0.52
CA ASP A 80 -9.03 10.87 0.24
C ASP A 80 -9.44 9.57 -0.47
N VAL A 81 -9.37 8.46 0.24
CA VAL A 81 -9.76 7.16 -0.28
C VAL A 81 -10.90 6.55 0.55
N ALA A 82 -11.62 5.63 -0.11
CA ALA A 82 -12.55 4.73 0.53
C ALA A 82 -11.89 3.38 0.66
N VAL A 83 -12.00 2.82 1.87
CA VAL A 83 -11.37 1.55 2.17
C VAL A 83 -12.37 0.41 1.97
N GLY A 84 -12.01 -0.54 1.15
CA GLY A 84 -12.86 -1.63 0.74
C GLY A 84 -12.42 -2.98 1.31
N GLU A 85 -12.59 -4.05 0.50
CA GLU A 85 -12.31 -5.39 0.91
C GLU A 85 -10.79 -5.63 1.15
N ARG A 86 -10.48 -6.59 2.01
CA ARG A 86 -9.11 -7.07 2.10
C ARG A 86 -8.57 -7.52 0.78
N LEU A 87 -7.27 -7.32 0.56
CA LEU A 87 -6.54 -7.84 -0.56
C LEU A 87 -5.51 -8.82 -0.02
N GLY A 88 -5.64 -10.05 -0.36
CA GLY A 88 -4.69 -11.06 0.11
C GLY A 88 -4.81 -11.38 1.62
N ALA A 89 -3.81 -12.09 2.12
CA ALA A 89 -3.74 -12.53 3.53
C ALA A 89 -2.89 -11.61 4.37
N ASP A 90 -3.02 -11.79 5.68
CA ASP A 90 -2.15 -11.07 6.61
C ASP A 90 -0.74 -11.54 6.43
N VAL A 91 0.19 -10.64 6.67
CA VAL A 91 1.62 -10.96 6.64
C VAL A 91 2.19 -10.70 8.05
N ALA A 92 2.89 -11.70 8.59
CA ALA A 92 3.55 -11.55 9.88
C ALA A 92 4.86 -10.85 9.64
N LEU A 93 5.02 -9.70 10.26
CA LEU A 93 6.23 -8.94 10.11
C LEU A 93 7.21 -9.41 11.09
N ASN A 94 6.71 -9.60 12.30
CA ASN A 94 7.46 -10.24 13.34
C ASN A 94 6.44 -10.82 14.30
N ASP A 95 6.90 -11.32 15.44
CA ASP A 95 6.00 -11.66 16.50
C ASP A 95 5.13 -10.47 16.92
N ALA A 96 5.65 -9.25 16.68
CA ALA A 96 5.08 -8.03 17.27
C ALA A 96 4.00 -7.41 16.40
N MET A 97 4.23 -7.38 15.09
CA MET A 97 3.36 -6.72 14.17
C MET A 97 2.80 -7.63 13.07
N THR A 98 1.63 -7.26 12.59
CA THR A 98 1.00 -7.94 11.41
C THR A 98 0.63 -6.88 10.38
N LEU A 99 0.87 -7.20 9.11
CA LEU A 99 0.62 -6.30 8.01
C LEU A 99 -0.60 -6.81 7.21
N ARG A 100 -1.56 -5.91 6.95
CA ARG A 100 -2.80 -6.26 6.20
C ARG A 100 -3.04 -5.25 5.12
N ALA A 101 -3.32 -5.75 3.93
CA ALA A 101 -3.67 -4.91 2.83
C ALA A 101 -5.19 -4.88 2.57
N TYR A 102 -5.64 -3.71 2.18
CA TYR A 102 -7.05 -3.47 1.75
C TYR A 102 -7.03 -2.84 0.36
N ARG A 103 -8.00 -3.24 -0.44
CA ARG A 103 -8.38 -2.43 -1.60
C ARG A 103 -8.83 -1.05 -1.13
N VAL A 104 -8.35 -0.01 -1.82
CA VAL A 104 -8.83 1.31 -1.64
C VAL A 104 -9.16 1.94 -3.01
N THR A 105 -10.08 2.93 -3.02
CA THR A 105 -10.38 3.63 -4.25
C THR A 105 -10.40 5.13 -3.95
N LEU A 106 -10.12 5.88 -4.97
N LEU A 106 -10.11 5.89 -4.97
CA LEU A 106 -9.96 7.32 -4.89
CA LEU A 106 -10.00 7.35 -4.86
C LEU A 106 -11.31 8.01 -4.73
C LEU A 106 -11.32 8.01 -4.71
N ARG A 107 -11.41 8.90 -3.74
CA ARG A 107 -12.55 9.83 -3.64
C ARG A 107 -12.19 11.21 -4.18
N SER A 108 -11.03 11.72 -3.77
N SER A 108 -11.03 11.73 -3.79
CA SER A 108 -10.54 13.02 -4.22
CA SER A 108 -10.54 12.99 -4.32
C SER A 108 -9.04 13.15 -4.05
C SER A 108 -9.06 13.14 -4.08
N GLY A 109 -8.44 13.98 -4.90
CA GLY A 109 -7.02 14.21 -4.86
C GLY A 109 -6.27 13.36 -5.84
N SER A 110 -5.03 13.78 -6.09
CA SER A 110 -4.08 13.08 -6.95
C SER A 110 -2.85 12.77 -6.06
N PRO A 111 -2.41 11.55 -6.09
CA PRO A 111 -1.33 11.11 -5.14
C PRO A 111 0.03 11.76 -5.46
N HIS A 112 0.70 12.22 -4.40
CA HIS A 112 2.07 12.71 -4.51
C HIS A 112 2.90 12.17 -3.42
N PRO A 113 4.19 11.95 -3.67
CA PRO A 113 5.10 11.37 -2.68
C PRO A 113 5.58 12.41 -1.59
N HIS A 114 4.72 12.70 -0.66
CA HIS A 114 5.06 13.52 0.46
C HIS A 114 6.05 12.88 1.43
N ASP A 115 6.06 11.54 1.53
CA ASP A 115 6.86 10.79 2.46
C ASP A 115 7.75 9.71 1.73
N HIS A 116 7.46 9.44 0.54
CA HIS A 116 8.13 8.41 -0.19
C HIS A 116 9.09 9.04 -1.21
N ARG A 117 10.02 8.23 -1.68
CA ARG A 117 10.99 8.65 -2.74
C ARG A 117 10.32 8.91 -4.09
N ALA A 118 9.31 8.10 -4.40
CA ALA A 118 8.64 8.12 -5.69
C ALA A 118 7.33 7.36 -5.57
N LEU A 119 6.43 7.62 -6.53
CA LEU A 119 5.24 6.81 -6.76
C LEU A 119 5.25 6.33 -8.19
N ARG A 120 4.58 5.23 -8.43
CA ARG A 120 4.38 4.69 -9.83
C ARG A 120 3.03 4.08 -9.92
N TRP A 121 2.42 4.20 -11.08
CA TRP A 121 1.22 3.44 -11.45
C TRP A 121 1.67 2.28 -12.32
N VAL A 122 1.34 1.07 -11.88
CA VAL A 122 1.78 -0.14 -12.58
C VAL A 122 0.63 -1.05 -13.01
N GLY A 123 0.84 -1.72 -14.13
CA GLY A 123 -0.06 -2.73 -14.59
C GLY A 123 0.33 -4.15 -14.14
N ALA A 124 -0.51 -5.10 -14.50
CA ALA A 124 -0.36 -6.49 -14.03
C ALA A 124 1.02 -7.01 -14.38
N ASP A 125 1.43 -6.74 -15.64
N ASP A 125 1.47 -6.73 -15.60
CA ASP A 125 2.70 -7.21 -16.18
CA ASP A 125 2.71 -7.26 -16.08
C ASP A 125 3.92 -6.69 -15.43
C ASP A 125 3.94 -6.63 -15.51
N GLU A 126 3.79 -5.56 -14.74
CA GLU A 126 4.91 -4.95 -14.05
C GLU A 126 5.06 -5.34 -12.60
N ILE A 127 4.06 -6.01 -12.04
N ILE A 127 4.05 -6.01 -12.03
CA ILE A 127 4.04 -6.20 -10.58
CA ILE A 127 4.02 -6.27 -10.58
C ILE A 127 5.14 -7.13 -10.13
C ILE A 127 5.16 -7.13 -10.15
N ASP A 128 5.33 -8.26 -10.81
CA ASP A 128 6.38 -9.20 -10.34
C ASP A 128 7.80 -8.76 -10.53
N GLY A 129 8.03 -7.76 -11.39
CA GLY A 129 9.37 -7.20 -11.65
C GLY A 129 9.83 -6.10 -10.69
N LEU A 130 8.90 -5.57 -9.91
N LEU A 130 8.90 -5.52 -9.93
CA LEU A 130 9.19 -4.46 -8.98
CA LEU A 130 9.25 -4.44 -8.97
C LEU A 130 10.05 -4.96 -7.83
C LEU A 130 10.11 -4.99 -7.89
N ALA A 131 10.98 -4.14 -7.39
CA ALA A 131 11.83 -4.45 -6.23
C ALA A 131 11.01 -4.19 -4.95
N TRP A 132 10.12 -5.12 -4.61
CA TRP A 132 9.27 -4.97 -3.43
C TRP A 132 10.05 -5.05 -2.13
N VAL A 133 9.57 -4.32 -1.13
N VAL A 133 9.59 -4.29 -1.15
CA VAL A 133 9.96 -4.60 0.25
CA VAL A 133 9.88 -4.59 0.25
C VAL A 133 9.58 -6.07 0.54
C VAL A 133 9.57 -6.09 0.53
N PRO A 134 10.43 -6.77 1.28
CA PRO A 134 10.18 -8.21 1.44
C PRO A 134 8.82 -8.59 1.97
N ALA A 135 8.27 -7.86 2.91
CA ALA A 135 6.98 -8.26 3.46
C ALA A 135 5.87 -8.20 2.39
N ASP A 136 5.83 -7.10 1.64
CA ASP A 136 4.78 -6.86 0.63
C ASP A 136 4.87 -7.81 -0.55
N ARG A 137 6.06 -8.33 -0.81
CA ARG A 137 6.27 -9.25 -1.95
C ARG A 137 5.26 -10.41 -1.94
N ALA A 138 4.83 -10.82 -0.73
CA ALA A 138 3.84 -11.89 -0.58
C ALA A 138 2.56 -11.65 -1.37
N TRP A 139 2.24 -10.39 -1.56
CA TRP A 139 1.01 -10.03 -2.21
C TRP A 139 1.09 -9.99 -3.72
N VAL A 140 2.25 -10.26 -4.29
CA VAL A 140 2.39 -10.20 -5.73
C VAL A 140 1.27 -11.00 -6.47
N PRO A 141 1.05 -12.28 -6.10
CA PRO A 141 0.03 -13.01 -6.87
C PRO A 141 -1.35 -12.39 -6.72
N ASP A 142 -1.67 -11.88 -5.54
CA ASP A 142 -2.94 -11.23 -5.32
C ASP A 142 -3.11 -9.98 -6.14
N LEU A 143 -2.06 -9.19 -6.24
CA LEU A 143 -2.10 -7.95 -6.98
C LEU A 143 -2.21 -8.23 -8.49
N VAL A 144 -1.46 -9.20 -8.99
CA VAL A 144 -1.57 -9.59 -10.38
C VAL A 144 -3.02 -10.02 -10.66
N ALA A 145 -3.63 -10.82 -9.79
CA ALA A 145 -4.99 -11.24 -10.01
C ALA A 145 -5.96 -10.08 -10.02
N ALA A 146 -5.79 -9.13 -9.11
CA ALA A 146 -6.66 -7.95 -9.02
C ALA A 146 -6.62 -7.10 -10.27
N LEU A 147 -5.51 -7.12 -10.96
CA LEU A 147 -5.30 -6.36 -12.19
C LEU A 147 -5.53 -7.16 -13.42
N SER A 148 -6.02 -8.37 -13.25
CA SER A 148 -6.28 -9.23 -14.38
C SER A 148 -7.80 -9.43 -14.55
N1 DCM B . 5.92 -2.08 6.42
C2 DCM B . 5.99 -3.02 5.39
N3 DCM B . 5.15 -2.86 4.31
C4 DCM B . 4.30 -1.84 4.25
C5 DCM B . 4.20 -0.89 5.28
C6 DCM B . 5.04 -1.03 6.34
O2 DCM B . 6.76 -3.95 5.44
N4 DCM B . 3.47 -1.84 3.19
C1' DCM B . 6.74 -2.25 7.61
C2' DCM B . 7.92 -1.30 7.79
C3' DCM B . 8.04 -1.23 9.32
C4' DCM B . 6.63 -1.35 9.81
O4' DCM B . 5.88 -2.01 8.75
O3' DCM B . 8.78 -2.36 9.77
C5' DCM B . 5.95 -0.01 10.11
O5' DCM B . 6.11 0.81 8.94
P DCM B . 6.65 2.34 9.11
O1P DCM B . 8.17 2.18 9.48
O2P DCM B . 6.37 2.93 7.75
O3P DCM B . 5.80 2.95 10.23
#